data_4TS7
#
_entry.id   4TS7
#
_cell.length_a   135.716
_cell.length_b   135.716
_cell.length_c   54.151
_cell.angle_alpha   90.00
_cell.angle_beta   90.00
_cell.angle_gamma   120.00
#
_symmetry.space_group_name_H-M   'P 61'
#
loop_
_entity.id
_entity.type
_entity.pdbx_description
1 polymer 'Purine phosphoribosyltransferase (GpT-1)'
2 non-polymer "ADENOSINE-5'-DIPHOSPHATE"
3 non-polymer 'PHOSPHATE ION'
4 water water
#
_entity_poly.entity_id   1
_entity_poly.type   'polypeptide(L)'
_entity_poly.pdbx_seq_one_letter_code
;MQKIPVKVVTWDEIVSLSTKLAEKIKADEYNVNVIVAIARGGLVPARLVADVLGVFDILSIKIEHWIETASHTPEAKVKY
PFKVDLSDKNVLIIDDITDTGDSIELARKYVMENFRPTEVKTATLQYIKPAAKIIPDYYAEEIVSWAWFMYPWNYWEDEI
NLVNKILIERKTKDIDINELKRNFVESYGIENPPISLDKILTEMKRRKIV
;
_entity_poly.pdbx_strand_id   A,B
#
loop_
_chem_comp.id
_chem_comp.type
_chem_comp.name
_chem_comp.formula
ADP non-polymer ADENOSINE-5'-DIPHOSPHATE 'C10 H15 N5 O10 P2'
PO4 non-polymer 'PHOSPHATE ION' 'O4 P -3'
#
# COMPACT_ATOMS: atom_id res chain seq x y z
N GLN A 2 29.28 1.01 -15.14
CA GLN A 2 28.47 0.31 -16.16
C GLN A 2 26.94 0.50 -15.99
N LYS A 3 26.22 0.46 -17.12
CA LYS A 3 24.81 0.85 -17.22
C LYS A 3 23.76 -0.10 -16.63
N ILE A 4 22.71 0.47 -16.06
CA ILE A 4 21.57 -0.32 -15.64
C ILE A 4 20.32 0.16 -16.36
N PRO A 5 19.54 -0.77 -16.92
CA PRO A 5 18.28 -0.35 -17.56
C PRO A 5 17.24 0.00 -16.46
N VAL A 6 16.79 1.24 -16.42
CA VAL A 6 15.83 1.64 -15.41
C VAL A 6 14.59 2.23 -16.08
N LYS A 7 13.42 1.78 -15.65
CA LYS A 7 12.16 2.34 -16.13
C LYS A 7 11.41 2.96 -14.97
N VAL A 8 11.05 4.23 -15.12
CA VAL A 8 10.29 4.92 -14.09
C VAL A 8 8.79 4.62 -14.28
N VAL A 9 8.16 4.09 -13.23
CA VAL A 9 6.76 3.74 -13.29
C VAL A 9 5.89 4.75 -12.52
N THR A 10 4.87 5.28 -13.20
CA THR A 10 4.01 6.31 -12.64
C THR A 10 2.84 5.69 -11.90
N TRP A 11 2.23 6.50 -11.04
CA TRP A 11 0.99 6.07 -10.38
C TRP A 11 -0.09 5.65 -11.37
N ASP A 12 -0.27 6.39 -12.46
CA ASP A 12 -1.30 6.02 -13.41
C ASP A 12 -1.04 4.62 -13.96
N GLU A 13 0.23 4.30 -14.16
CA GLU A 13 0.58 2.99 -14.69
C GLU A 13 0.32 1.93 -13.65
N ILE A 14 0.62 2.27 -12.39
CA ILE A 14 0.35 1.39 -11.28
C ILE A 14 -1.13 1.05 -11.21
N VAL A 15 -1.97 2.07 -11.37
CA VAL A 15 -3.42 1.89 -11.32
C VAL A 15 -3.84 0.99 -12.46
N SER A 16 -3.36 1.33 -13.65
CA SER A 16 -3.69 0.61 -14.86
C SER A 16 -3.32 -0.88 -14.77
N LEU A 17 -2.12 -1.15 -14.24
CA LEU A 17 -1.63 -2.50 -13.98
C LEU A 17 -2.44 -3.25 -12.94
N SER A 18 -2.62 -2.65 -11.76
CA SER A 18 -3.37 -3.28 -10.68
C SER A 18 -4.75 -3.64 -11.15
N THR A 19 -5.33 -2.75 -11.93
CA THR A 19 -6.66 -2.97 -12.47
C THR A 19 -6.68 -4.13 -13.46
N LYS A 20 -5.72 -4.15 -14.37
CA LYS A 20 -5.64 -5.22 -15.36
C LYS A 20 -5.42 -6.55 -14.66
N LEU A 21 -4.56 -6.55 -13.65
CA LEU A 21 -4.32 -7.75 -12.86
C LEU A 21 -5.63 -8.24 -12.23
N ALA A 22 -6.37 -7.31 -11.63
CA ALA A 22 -7.66 -7.66 -11.03
C ALA A 22 -8.66 -8.22 -12.05
N GLU A 23 -8.64 -7.68 -13.27
CA GLU A 23 -9.52 -8.16 -14.35
C GLU A 23 -9.27 -9.62 -14.69
N LYS A 24 -8.00 -10.02 -14.77
CA LYS A 24 -7.65 -11.40 -15.06
C LYS A 24 -8.25 -12.32 -14.01
N ILE A 25 -8.16 -11.89 -12.77
CA ILE A 25 -8.66 -12.65 -11.63
C ILE A 25 -10.18 -12.72 -11.62
N LYS A 26 -10.84 -11.63 -12.01
CA LYS A 26 -12.30 -11.64 -12.19
C LYS A 26 -12.66 -12.64 -13.28
N ALA A 27 -12.04 -12.49 -14.44
CA ALA A 27 -12.33 -13.33 -15.59
C ALA A 27 -12.11 -14.81 -15.33
N ASP A 28 -11.15 -15.14 -14.46
CA ASP A 28 -10.87 -16.52 -14.10
C ASP A 28 -11.81 -17.02 -12.98
N GLU A 29 -12.61 -16.09 -12.45
CA GLU A 29 -13.62 -16.44 -11.45
C GLU A 29 -13.05 -17.13 -10.22
N TYR A 30 -11.84 -16.73 -9.81
CA TYR A 30 -11.25 -17.18 -8.56
C TYR A 30 -11.78 -16.32 -7.42
N ASN A 31 -12.55 -16.93 -6.52
CA ASN A 31 -13.13 -16.19 -5.42
C ASN A 31 -12.14 -16.01 -4.26
N VAL A 32 -11.59 -14.81 -4.15
CA VAL A 32 -10.58 -14.52 -3.13
C VAL A 32 -11.21 -14.12 -1.81
N ASN A 33 -10.91 -14.86 -0.74
CA ASN A 33 -11.35 -14.48 0.59
C ASN A 33 -10.33 -13.58 1.30
N VAL A 34 -9.06 -13.97 1.20
CA VAL A 34 -8.00 -13.22 1.86
C VAL A 34 -6.83 -12.95 0.93
N ILE A 35 -6.34 -11.71 0.95
CA ILE A 35 -5.13 -11.36 0.22
C ILE A 35 -3.95 -11.31 1.18
N VAL A 36 -2.88 -11.99 0.83
CA VAL A 36 -1.68 -11.94 1.61
C VAL A 36 -0.65 -11.17 0.80
N ALA A 37 -0.35 -9.96 1.26
CA ALA A 37 0.64 -9.12 0.60
C ALA A 37 2.04 -9.44 1.09
N ILE A 38 2.98 -9.54 0.15
CA ILE A 38 4.37 -9.67 0.50
C ILE A 38 4.92 -8.27 0.75
N ALA A 39 5.34 -8.00 1.98
CA ALA A 39 5.89 -6.68 2.31
C ALA A 39 7.37 -6.66 1.94
N ARG A 40 7.87 -5.53 1.47
CA ARG A 40 7.11 -4.30 1.33
C ARG A 40 6.52 -4.13 -0.09
N GLY A 41 7.10 -4.81 -1.07
CA GLY A 41 6.74 -4.62 -2.46
C GLY A 41 5.28 -4.78 -2.85
N GLY A 42 4.57 -5.68 -2.18
CA GLY A 42 3.21 -6.00 -2.56
C GLY A 42 2.12 -5.20 -1.86
N LEU A 43 2.48 -4.44 -0.84
CA LEU A 43 1.48 -3.72 -0.04
C LEU A 43 0.57 -2.86 -0.92
N VAL A 44 1.16 -1.96 -1.70
CA VAL A 44 0.36 -1.07 -2.53
C VAL A 44 -0.47 -1.81 -3.58
N PRO A 45 0.16 -2.67 -4.42
CA PRO A 45 -0.62 -3.44 -5.39
C PRO A 45 -1.75 -4.20 -4.71
N ALA A 46 -1.48 -4.74 -3.53
CA ALA A 46 -2.50 -5.49 -2.82
C ALA A 46 -3.74 -4.64 -2.48
N ARG A 47 -3.54 -3.40 -2.02
CA ARG A 47 -4.65 -2.54 -1.62
C ARG A 47 -5.53 -2.26 -2.82
N LEU A 48 -4.86 -1.97 -3.95
CA LEU A 48 -5.53 -1.67 -5.21
C LEU A 48 -6.32 -2.86 -5.77
N VAL A 49 -5.71 -4.04 -5.82
CA VAL A 49 -6.44 -5.19 -6.31
C VAL A 49 -7.65 -5.47 -5.42
N ALA A 50 -7.47 -5.26 -4.13
CA ALA A 50 -8.54 -5.45 -3.16
C ALA A 50 -9.70 -4.49 -3.42
N ASP A 51 -9.39 -3.24 -3.74
CA ASP A 51 -10.43 -2.28 -4.08
C ASP A 51 -11.26 -2.71 -5.28
N VAL A 52 -10.59 -3.26 -6.30
CA VAL A 52 -11.22 -3.60 -7.56
C VAL A 52 -12.07 -4.87 -7.44
N LEU A 53 -11.54 -5.86 -6.69
CA LEU A 53 -12.18 -7.17 -6.53
C LEU A 53 -13.22 -7.22 -5.43
N GLY A 54 -13.07 -6.37 -4.42
CA GLY A 54 -13.97 -6.36 -3.29
C GLY A 54 -13.49 -7.27 -2.17
N VAL A 55 -12.19 -7.28 -1.92
CA VAL A 55 -11.61 -8.07 -0.83
C VAL A 55 -11.34 -7.22 0.40
N PHE A 56 -11.78 -7.67 1.56
CA PHE A 56 -11.75 -6.85 2.77
C PHE A 56 -10.61 -7.23 3.72
N ASP A 57 -10.24 -8.50 3.71
CA ASP A 57 -9.16 -9.00 4.54
C ASP A 57 -7.83 -9.02 3.79
N ILE A 58 -6.90 -8.19 4.24
CA ILE A 58 -5.56 -8.20 3.70
C ILE A 58 -4.60 -8.38 4.85
N LEU A 59 -3.79 -9.43 4.75
CA LEU A 59 -2.71 -9.63 5.69
C LEU A 59 -1.38 -9.45 4.97
N SER A 60 -0.29 -9.38 5.72
CA SER A 60 1.00 -9.27 5.08
C SER A 60 2.12 -10.03 5.82
N ILE A 61 3.08 -10.52 5.05
CA ILE A 61 4.29 -11.10 5.61
C ILE A 61 5.50 -10.41 5.00
N LYS A 62 6.42 -9.99 5.86
CA LYS A 62 7.66 -9.36 5.42
C LYS A 62 8.67 -10.40 4.95
N ILE A 63 9.10 -10.29 3.71
CA ILE A 63 10.14 -11.17 3.20
C ILE A 63 11.45 -10.39 3.00
N GLU A 64 12.51 -10.87 3.66
CA GLU A 64 13.84 -10.34 3.51
C GLU A 64 14.59 -11.07 2.40
N HIS A 65 15.62 -10.42 1.90
CA HIS A 65 16.41 -11.02 0.83
C HIS A 65 17.88 -10.97 1.20
N TRP A 66 18.45 -12.14 1.42
CA TRP A 66 19.83 -12.23 1.87
C TRP A 66 20.71 -12.82 0.81
N ILE A 67 21.97 -12.40 0.82
CA ILE A 67 23.02 -12.98 0.00
C ILE A 67 24.20 -13.32 0.89
N GLU A 68 24.76 -14.50 0.73
CA GLU A 68 25.95 -14.87 1.50
C GLU A 68 27.18 -14.38 0.75
N THR A 69 28.04 -13.67 1.47
CA THR A 69 29.14 -12.93 0.85
C THR A 69 30.15 -13.74 0.01
N ALA A 70 30.64 -14.85 0.56
CA ALA A 70 31.57 -15.71 -0.17
C ALA A 70 30.94 -16.50 -1.34
N SER A 71 29.86 -17.22 -1.08
CA SER A 71 29.25 -18.08 -2.09
C SER A 71 28.31 -17.35 -3.05
N HIS A 72 27.90 -16.14 -2.69
CA HIS A 72 26.91 -15.38 -3.46
C HIS A 72 25.57 -16.09 -3.50
N THR A 73 25.38 -16.98 -2.53
CA THR A 73 24.14 -17.72 -2.38
C THR A 73 23.01 -16.81 -1.89
N PRO A 74 21.88 -16.80 -2.62
CA PRO A 74 20.72 -16.00 -2.22
C PRO A 74 19.77 -16.82 -1.38
N GLU A 75 19.16 -16.20 -0.39
CA GLU A 75 18.15 -16.86 0.42
C GLU A 75 17.06 -15.86 0.83
N ALA A 76 15.83 -16.14 0.42
CA ALA A 76 14.68 -15.35 0.84
C ALA A 76 14.22 -15.87 2.19
N LYS A 77 13.76 -14.99 3.06
CA LYS A 77 13.40 -15.38 4.41
C LYS A 77 12.31 -14.48 5.03
N VAL A 78 11.26 -15.10 5.54
CA VAL A 78 10.20 -14.37 6.23
C VAL A 78 10.70 -13.80 7.55
N LYS A 79 10.64 -12.48 7.69
CA LYS A 79 10.96 -11.87 8.98
C LYS A 79 9.68 -11.68 9.81
N TYR A 80 9.79 -11.90 11.12
CA TYR A 80 8.64 -11.83 12.02
C TYR A 80 7.54 -12.77 11.57
N PRO A 81 7.82 -14.07 11.59
CA PRO A 81 6.84 -15.11 11.19
C PRO A 81 5.72 -15.26 12.22
N PHE A 82 4.51 -15.54 11.73
CA PHE A 82 3.40 -15.80 12.62
C PHE A 82 2.51 -16.85 11.96
N LYS A 83 1.51 -17.33 12.69
CA LYS A 83 0.52 -18.22 12.09
C LYS A 83 -0.89 -17.66 12.32
N VAL A 84 -1.78 -17.90 11.38
CA VAL A 84 -3.20 -17.54 11.57
C VAL A 84 -4.02 -18.66 10.93
N ASP A 85 -5.26 -18.85 11.38
CA ASP A 85 -6.07 -19.92 10.80
C ASP A 85 -6.86 -19.45 9.60
N LEU A 86 -6.41 -19.83 8.42
CA LEU A 86 -7.01 -19.40 7.18
C LEU A 86 -7.78 -20.51 6.42
N SER A 87 -8.14 -21.58 7.12
CA SER A 87 -8.83 -22.69 6.48
C SER A 87 -10.22 -22.29 6.02
N ASP A 88 -10.67 -22.92 4.94
CA ASP A 88 -11.95 -22.61 4.31
C ASP A 88 -11.94 -21.23 3.65
N LYS A 89 -10.74 -20.66 3.55
CA LYS A 89 -10.56 -19.40 2.84
C LYS A 89 -9.70 -19.62 1.58
N ASN A 90 -9.95 -18.80 0.58
CA ASN A 90 -9.13 -18.80 -0.62
C ASN A 90 -8.16 -17.63 -0.62
N VAL A 91 -6.86 -17.94 -0.65
CA VAL A 91 -5.85 -16.91 -0.55
C VAL A 91 -5.34 -16.44 -1.91
N LEU A 92 -5.16 -15.14 -2.05
CA LEU A 92 -4.39 -14.61 -3.16
C LEU A 92 -3.16 -13.96 -2.54
N ILE A 93 -1.99 -14.40 -2.99
CA ILE A 93 -0.75 -13.75 -2.62
C ILE A 93 -0.40 -12.70 -3.67
N ILE A 94 0.03 -11.52 -3.22
CA ILE A 94 0.38 -10.44 -4.14
C ILE A 94 1.75 -9.83 -3.88
N ASP A 95 2.52 -9.68 -4.96
CA ASP A 95 3.78 -8.94 -4.91
C ASP A 95 3.82 -7.97 -6.08
N ASP A 96 4.80 -7.08 -6.08
CA ASP A 96 4.95 -6.12 -7.17
C ASP A 96 5.36 -6.75 -8.51
N ILE A 97 6.43 -7.54 -8.49
CA ILE A 97 7.00 -8.07 -9.72
C ILE A 97 7.49 -9.49 -9.51
N THR A 98 7.36 -10.33 -10.54
CA THR A 98 8.03 -11.63 -10.52
C THR A 98 9.31 -11.47 -11.30
N ASP A 99 10.43 -11.42 -10.58
CA ASP A 99 11.75 -11.30 -11.20
C ASP A 99 12.42 -12.67 -11.23
N THR A 100 12.89 -13.13 -10.06
CA THR A 100 13.51 -14.44 -9.99
C THR A 100 12.47 -15.50 -9.67
N GLY A 101 11.52 -15.13 -8.81
CA GLY A 101 10.47 -16.05 -8.37
C GLY A 101 10.73 -16.60 -6.98
N ASP A 102 11.87 -16.21 -6.40
CA ASP A 102 12.29 -16.72 -5.10
C ASP A 102 11.33 -16.33 -3.98
N SER A 103 10.80 -15.12 -4.04
CA SER A 103 9.93 -14.63 -2.98
C SER A 103 8.53 -15.21 -3.04
N ILE A 104 7.97 -15.29 -4.25
CA ILE A 104 6.64 -15.87 -4.37
C ILE A 104 6.67 -17.39 -4.17
N GLU A 105 7.82 -18.00 -4.41
CA GLU A 105 8.01 -19.41 -4.10
C GLU A 105 7.95 -19.63 -2.60
N LEU A 106 8.65 -18.77 -1.87
CA LEU A 106 8.69 -18.88 -0.41
C LEU A 106 7.35 -18.57 0.19
N ALA A 107 6.73 -17.49 -0.29
CA ALA A 107 5.45 -17.08 0.25
C ALA A 107 4.43 -18.19 0.08
N ARG A 108 4.35 -18.75 -1.12
CA ARG A 108 3.40 -19.83 -1.39
C ARG A 108 3.62 -21.00 -0.40
N LYS A 109 4.87 -21.46 -0.33
CA LYS A 109 5.28 -22.49 0.60
C LYS A 109 4.97 -22.11 2.06
N TYR A 110 5.29 -20.88 2.44
CA TYR A 110 5.07 -20.44 3.81
C TYR A 110 3.59 -20.38 4.17
N VAL A 111 2.82 -19.74 3.30
CA VAL A 111 1.38 -19.55 3.49
C VAL A 111 0.64 -20.89 3.59
N MET A 112 1.07 -21.87 2.82
CA MET A 112 0.41 -23.16 2.85
C MET A 112 0.74 -23.98 4.09
N GLU A 113 1.93 -23.75 4.66
CA GLU A 113 2.35 -24.48 5.85
C GLU A 113 1.79 -23.84 7.12
N ASN A 114 1.70 -22.52 7.12
CA ASN A 114 1.37 -21.82 8.37
C ASN A 114 -0.03 -21.22 8.45
N PHE A 115 -0.69 -21.07 7.30
CA PHE A 115 -2.01 -20.46 7.26
C PHE A 115 -3.07 -21.48 6.90
N ARG A 116 -2.67 -22.50 6.16
CA ARG A 116 -3.54 -23.64 5.87
C ARG A 116 -4.84 -23.27 5.14
N PRO A 117 -4.73 -22.51 4.05
CA PRO A 117 -5.90 -22.07 3.27
C PRO A 117 -6.44 -23.20 2.42
N THR A 118 -7.68 -23.06 1.97
CA THR A 118 -8.25 -24.01 1.02
C THR A 118 -7.42 -24.03 -0.27
N GLU A 119 -7.10 -22.86 -0.78
CA GLU A 119 -6.33 -22.74 -2.01
C GLU A 119 -5.46 -21.49 -1.98
N VAL A 120 -4.35 -21.53 -2.72
CA VAL A 120 -3.45 -20.39 -2.83
C VAL A 120 -3.14 -20.12 -4.29
N LYS A 121 -3.26 -18.86 -4.69
CA LYS A 121 -2.80 -18.44 -6.01
C LYS A 121 -1.90 -17.22 -5.83
N THR A 122 -0.96 -17.05 -6.75
CA THR A 122 -0.04 -15.92 -6.72
C THR A 122 -0.32 -14.95 -7.84
N ALA A 123 0.01 -13.69 -7.62
CA ALA A 123 -0.23 -12.66 -8.61
C ALA A 123 0.73 -11.48 -8.42
N THR A 124 1.36 -11.05 -9.50
CA THR A 124 2.18 -9.84 -9.47
C THR A 124 1.80 -8.91 -10.62
N LEU A 125 2.16 -7.64 -10.50
CA LEU A 125 1.87 -6.69 -11.54
C LEU A 125 2.64 -7.07 -12.78
N GLN A 126 3.94 -7.27 -12.59
CA GLN A 126 4.84 -7.51 -13.71
C GLN A 126 5.53 -8.83 -13.57
N TYR A 127 5.97 -9.36 -14.70
CA TYR A 127 6.52 -10.70 -14.79
C TYR A 127 7.63 -10.71 -15.85
N ILE A 128 8.86 -11.00 -15.42
CA ILE A 128 9.99 -10.97 -16.35
C ILE A 128 10.29 -12.36 -16.86
N LYS A 129 9.72 -12.68 -18.03
CA LYS A 129 9.83 -13.99 -18.65
C LYS A 129 11.22 -14.65 -18.60
N PRO A 130 12.27 -13.91 -19.02
CA PRO A 130 13.63 -14.47 -19.10
C PRO A 130 14.24 -14.80 -17.74
N ALA A 131 13.72 -14.20 -16.66
CA ALA A 131 14.39 -14.29 -15.36
C ALA A 131 13.68 -15.17 -14.36
N ALA A 132 12.38 -15.35 -14.55
CA ALA A 132 11.51 -16.04 -13.59
C ALA A 132 11.64 -17.57 -13.59
N LYS A 133 12.10 -18.14 -12.48
CA LYS A 133 12.16 -19.61 -12.35
C LYS A 133 10.75 -20.17 -12.16
N ILE A 134 9.86 -19.32 -11.64
CA ILE A 134 8.48 -19.68 -11.36
C ILE A 134 7.56 -18.68 -12.06
N ILE A 135 6.39 -19.12 -12.52
CA ILE A 135 5.42 -18.19 -13.09
C ILE A 135 4.21 -18.01 -12.17
N PRO A 136 3.88 -16.75 -11.85
CA PRO A 136 2.75 -16.49 -10.96
C PRO A 136 1.45 -16.82 -11.69
N ASP A 137 0.44 -17.23 -10.93
CA ASP A 137 -0.85 -17.57 -11.51
C ASP A 137 -1.43 -16.45 -12.38
N TYR A 138 -1.26 -15.21 -11.91
CA TYR A 138 -1.75 -14.05 -12.63
C TYR A 138 -0.66 -13.02 -12.70
N TYR A 139 -0.62 -12.29 -13.80
CA TYR A 139 0.22 -11.09 -13.90
C TYR A 139 -0.45 -10.13 -14.87
N ALA A 140 -0.19 -8.84 -14.68
CA ALA A 140 -0.70 -7.80 -15.56
C ALA A 140 0.14 -7.63 -16.82
N GLU A 141 1.45 -7.52 -16.66
CA GLU A 141 2.35 -7.23 -17.79
C GLU A 141 3.55 -8.17 -17.88
N GLU A 142 3.78 -8.73 -19.07
CA GLU A 142 4.96 -9.56 -19.30
C GLU A 142 6.10 -8.69 -19.79
N ILE A 143 7.26 -8.86 -19.16
CA ILE A 143 8.48 -8.17 -19.56
C ILE A 143 9.43 -9.19 -20.15
N VAL A 144 9.92 -8.92 -21.35
CA VAL A 144 10.75 -9.90 -22.05
C VAL A 144 12.21 -9.54 -21.98
N SER A 145 12.48 -8.34 -21.48
CA SER A 145 13.85 -7.87 -21.32
C SER A 145 14.03 -7.23 -19.94
N TRP A 146 14.88 -7.84 -19.10
CA TRP A 146 15.07 -7.37 -17.73
C TRP A 146 15.44 -5.92 -17.64
N ALA A 147 14.79 -5.23 -16.71
CA ALA A 147 15.14 -3.87 -16.32
C ALA A 147 14.81 -3.73 -14.85
N TRP A 148 15.28 -2.66 -14.21
CA TRP A 148 14.84 -2.37 -12.86
C TRP A 148 13.69 -1.37 -12.92
N PHE A 149 12.56 -1.73 -12.31
CA PHE A 149 11.36 -0.87 -12.33
C PHE A 149 11.22 -0.01 -11.08
N MET A 150 11.33 1.31 -11.25
CA MET A 150 11.16 2.24 -10.14
C MET A 150 9.68 2.48 -9.87
N TYR A 151 9.17 1.90 -8.80
CA TYR A 151 7.76 2.11 -8.47
C TYR A 151 7.58 3.40 -7.67
N PRO A 152 6.40 4.03 -7.81
CA PRO A 152 6.15 5.36 -7.25
C PRO A 152 6.23 5.37 -5.72
N TRP A 153 6.19 4.19 -5.12
CA TRP A 153 6.25 4.05 -3.67
C TRP A 153 7.67 3.72 -3.21
N ASN A 154 8.62 3.82 -4.13
CA ASN A 154 9.98 3.32 -3.95
C ASN A 154 11.01 4.33 -4.48
N TYR A 155 10.53 5.45 -5.02
CA TYR A 155 11.38 6.47 -5.63
C TYR A 155 12.55 6.91 -4.77
N TRP A 156 12.31 7.18 -3.49
CA TRP A 156 13.38 7.64 -2.61
C TRP A 156 14.48 6.61 -2.50
N GLU A 157 14.12 5.42 -2.04
CA GLU A 157 15.09 4.37 -1.79
C GLU A 157 15.82 4.00 -3.08
N ASP A 158 15.10 3.90 -4.18
CA ASP A 158 15.73 3.48 -5.41
C ASP A 158 16.76 4.50 -5.88
N GLU A 159 16.41 5.78 -5.80
CA GLU A 159 17.32 6.85 -6.22
C GLU A 159 18.52 6.94 -5.30
N ILE A 160 18.30 6.73 -4.00
CA ILE A 160 19.41 6.69 -3.06
C ILE A 160 20.42 5.64 -3.49
N ASN A 161 19.94 4.48 -3.90
CA ASN A 161 20.83 3.39 -4.26
C ASN A 161 21.54 3.64 -5.59
N LEU A 162 20.77 4.03 -6.59
CA LEU A 162 21.31 4.37 -7.89
C LEU A 162 22.36 5.47 -7.82
N VAL A 163 22.12 6.46 -6.98
CA VAL A 163 23.10 7.52 -6.78
C VAL A 163 24.35 6.96 -6.10
N ASN A 164 24.15 6.11 -5.10
CA ASN A 164 25.27 5.55 -4.37
C ASN A 164 26.16 4.67 -5.23
N LYS A 165 25.55 3.93 -6.16
CA LYS A 165 26.33 3.12 -7.10
C LYS A 165 27.27 4.02 -7.88
N ILE A 166 26.85 5.25 -8.15
CA ILE A 166 27.69 6.22 -8.83
C ILE A 166 28.77 6.83 -7.91
N LEU A 167 28.39 7.19 -6.69
CA LEU A 167 29.30 7.86 -5.77
C LEU A 167 30.44 6.97 -5.28
N ILE A 168 30.27 5.65 -5.35
CA ILE A 168 31.33 4.76 -4.87
C ILE A 168 32.36 4.45 -5.96
N GLU A 169 32.41 5.30 -6.97
CA GLU A 169 33.44 5.22 -7.99
C GLU A 169 33.91 6.60 -8.40
N ARG A 170 33.50 7.59 -7.61
CA ARG A 170 34.03 8.94 -7.73
C ARG A 170 35.52 8.87 -8.06
N LYS A 171 36.01 9.85 -8.81
CA LYS A 171 37.45 9.97 -9.01
C LYS A 171 38.08 10.52 -7.74
N THR A 172 37.49 11.58 -7.20
CA THR A 172 37.96 12.17 -5.95
C THR A 172 36.83 12.29 -4.94
N LYS A 173 37.19 12.59 -3.69
CA LYS A 173 36.19 12.99 -2.71
C LYS A 173 35.59 14.30 -3.21
N ASP A 174 34.27 14.31 -3.46
CA ASP A 174 33.68 15.39 -4.23
C ASP A 174 32.16 15.49 -4.09
N ILE A 175 31.48 15.26 -5.21
CA ILE A 175 30.03 15.40 -5.34
C ILE A 175 29.59 16.78 -5.89
N ASP A 176 29.98 17.03 -7.14
CA ASP A 176 29.39 18.09 -7.98
C ASP A 176 28.01 17.59 -8.43
N ILE A 177 26.97 18.34 -8.08
CA ILE A 177 25.61 17.94 -8.39
C ILE A 177 25.41 17.76 -9.89
N ASN A 178 26.12 18.56 -10.68
CA ASN A 178 25.91 18.52 -12.12
C ASN A 178 26.57 17.32 -12.75
N GLU A 179 27.73 16.94 -12.20
CA GLU A 179 28.39 15.72 -12.63
C GLU A 179 27.42 14.57 -12.37
N LEU A 180 26.91 14.54 -11.14
CA LEU A 180 25.97 13.51 -10.71
C LEU A 180 24.81 13.39 -11.68
N LYS A 181 24.17 14.53 -11.97
CA LYS A 181 23.04 14.57 -12.89
C LYS A 181 23.39 14.00 -14.26
N ARG A 182 24.58 14.30 -14.76
CA ARG A 182 24.96 13.76 -16.06
C ARG A 182 25.26 12.27 -15.97
N ASN A 183 25.80 11.83 -14.83
CA ASN A 183 26.09 10.41 -14.64
C ASN A 183 24.82 9.59 -14.58
N PHE A 184 23.78 10.19 -13.98
CA PHE A 184 22.47 9.56 -13.83
C PHE A 184 21.80 9.36 -15.18
N VAL A 185 21.89 10.36 -16.03
CA VAL A 185 21.45 10.21 -17.41
C VAL A 185 22.29 9.17 -18.14
N GLU A 186 23.61 9.27 -18.01
CA GLU A 186 24.53 8.33 -18.63
C GLU A 186 24.27 6.89 -18.23
N SER A 187 24.04 6.65 -16.93
CA SER A 187 23.93 5.29 -16.43
C SER A 187 22.54 4.66 -16.50
N TYR A 188 21.49 5.49 -16.35
CA TYR A 188 20.13 4.96 -16.20
C TYR A 188 19.11 5.51 -17.19
N GLY A 189 19.45 6.59 -17.86
CA GLY A 189 18.60 7.13 -18.90
C GLY A 189 17.55 8.07 -18.34
N ILE A 190 17.81 8.61 -17.16
CA ILE A 190 16.86 9.47 -16.46
C ILE A 190 17.32 10.92 -16.38
N GLU A 191 16.72 11.77 -17.21
CA GLU A 191 17.06 13.19 -17.22
C GLU A 191 16.36 13.88 -16.06
N ASN A 192 15.19 13.38 -15.72
CA ASN A 192 14.39 13.99 -14.69
C ASN A 192 13.86 13.01 -13.66
N PRO A 193 14.72 12.66 -12.68
CA PRO A 193 14.31 11.75 -11.60
C PRO A 193 13.06 12.31 -10.93
N PRO A 194 12.14 11.43 -10.51
CA PRO A 194 10.91 11.89 -9.85
C PRO A 194 11.23 12.72 -8.59
N ILE A 195 12.23 12.31 -7.82
CA ILE A 195 12.73 13.09 -6.71
C ILE A 195 14.02 13.74 -7.19
N SER A 196 14.13 15.07 -7.08
CA SER A 196 15.33 15.76 -7.55
C SER A 196 16.57 15.30 -6.78
N LEU A 197 17.70 15.24 -7.46
CA LEU A 197 18.88 14.62 -6.88
C LEU A 197 19.48 15.37 -5.68
N ASP A 198 19.26 16.67 -5.56
CA ASP A 198 19.76 17.37 -4.39
C ASP A 198 18.96 16.95 -3.15
N LYS A 199 17.68 16.68 -3.34
CA LYS A 199 16.85 16.21 -2.22
C LYS A 199 17.38 14.85 -1.81
N ILE A 200 17.68 14.02 -2.80
CA ILE A 200 18.28 12.70 -2.55
C ILE A 200 19.57 12.80 -1.73
N LEU A 201 20.49 13.68 -2.17
CA LEU A 201 21.77 13.90 -1.48
C LEU A 201 21.58 14.36 -0.05
N THR A 202 20.69 15.32 0.15
CA THR A 202 20.40 15.81 1.49
C THR A 202 19.94 14.68 2.39
N GLU A 203 19.11 13.80 1.84
CA GLU A 203 18.58 12.67 2.59
C GLU A 203 19.65 11.62 2.87
N MET A 204 20.55 11.38 1.90
CA MET A 204 21.65 10.44 2.12
C MET A 204 22.56 10.92 3.23
N LYS A 205 22.75 12.23 3.30
CA LYS A 205 23.53 12.85 4.37
C LYS A 205 22.89 12.59 5.73
N ARG A 206 21.59 12.85 5.84
CA ARG A 206 20.86 12.65 7.08
C ARG A 206 20.91 11.17 7.51
N ARG A 207 20.85 10.27 6.54
CA ARG A 207 20.93 8.84 6.79
C ARG A 207 22.38 8.38 6.94
N LYS A 208 23.32 9.32 6.98
CA LYS A 208 24.73 8.99 7.19
C LYS A 208 25.25 8.01 6.13
N ILE A 209 24.94 8.27 4.87
CA ILE A 209 25.44 7.43 3.80
C ILE A 209 26.51 8.21 3.04
N VAL A 210 26.50 9.52 3.24
CA VAL A 210 27.53 10.44 2.75
C VAL A 210 27.82 11.51 3.81
N GLN B 2 -28.10 11.24 4.00
CA GLN B 2 -28.35 11.05 2.56
C GLN B 2 -27.85 12.19 1.64
N LYS B 3 -27.28 13.24 2.21
CA LYS B 3 -26.46 14.21 1.46
C LYS B 3 -25.11 14.40 2.18
N ILE B 4 -24.01 14.06 1.51
CA ILE B 4 -22.74 13.81 2.21
C ILE B 4 -21.59 14.62 1.63
N PRO B 5 -20.78 15.24 2.50
CA PRO B 5 -19.64 16.00 1.98
C PRO B 5 -18.57 14.99 1.55
N VAL B 6 -18.21 14.99 0.27
CA VAL B 6 -17.21 14.06 -0.21
C VAL B 6 -16.07 14.80 -0.88
N LYS B 7 -14.84 14.42 -0.54
CA LYS B 7 -13.64 14.98 -1.16
C LYS B 7 -12.86 13.90 -1.88
N VAL B 8 -12.62 14.12 -3.17
CA VAL B 8 -11.86 13.16 -3.93
C VAL B 8 -10.39 13.50 -3.75
N VAL B 9 -9.61 12.52 -3.31
CA VAL B 9 -8.19 12.71 -3.08
C VAL B 9 -7.37 12.03 -4.17
N THR B 10 -6.45 12.79 -4.77
CA THR B 10 -5.66 12.31 -5.89
C THR B 10 -4.41 11.65 -5.38
N TRP B 11 -3.76 10.86 -6.24
CA TRP B 11 -2.44 10.30 -5.94
C TRP B 11 -1.43 11.40 -5.60
N ASP B 12 -1.42 12.49 -6.35
CA ASP B 12 -0.45 13.54 -6.07
C ASP B 12 -0.59 14.07 -4.66
N GLU B 13 -1.84 14.17 -4.20
CA GLU B 13 -2.11 14.65 -2.86
C GLU B 13 -1.68 13.63 -1.84
N ILE B 14 -1.90 12.35 -2.15
CA ILE B 14 -1.45 11.26 -1.30
C ILE B 14 0.07 11.31 -1.08
N VAL B 15 0.81 11.48 -2.17
CA VAL B 15 2.26 11.60 -2.11
C VAL B 15 2.63 12.78 -1.24
N SER B 16 2.02 13.92 -1.54
CA SER B 16 2.29 15.17 -0.86
C SER B 16 2.06 15.03 0.65
N LEU B 17 0.95 14.40 1.00
CA LEU B 17 0.60 14.13 2.39
C LEU B 17 1.57 13.18 3.07
N SER B 18 1.78 12.02 2.45
CA SER B 18 2.65 11.01 3.03
C SER B 18 4.02 11.61 3.28
N THR B 19 4.46 12.45 2.34
CA THR B 19 5.77 13.05 2.44
C THR B 19 5.83 14.03 3.58
N LYS B 20 4.77 14.84 3.72
CA LYS B 20 4.72 15.84 4.78
C LYS B 20 4.67 15.15 6.14
N LEU B 21 3.90 14.07 6.20
CA LEU B 21 3.83 13.28 7.42
C LEU B 21 5.22 12.74 7.78
N ALA B 22 5.95 12.24 6.78
CA ALA B 22 7.28 11.72 7.01
C ALA B 22 8.22 12.82 7.51
N GLU B 23 8.07 14.03 6.97
CA GLU B 23 8.89 15.17 7.39
C GLU B 23 8.74 15.52 8.87
N LYS B 24 7.52 15.48 9.37
CA LYS B 24 7.29 15.76 10.78
C LYS B 24 8.06 14.77 11.63
N ILE B 25 7.99 13.50 11.23
CA ILE B 25 8.65 12.40 11.94
C ILE B 25 10.17 12.52 11.90
N LYS B 26 10.69 13.01 10.76
CA LYS B 26 12.12 13.26 10.60
C LYS B 26 12.48 14.35 11.58
N ALA B 27 11.75 15.46 11.49
CA ALA B 27 12.05 16.66 12.28
C ALA B 27 11.97 16.39 13.78
N ASP B 28 11.10 15.47 14.18
CA ASP B 28 10.97 15.08 15.58
C ASP B 28 12.05 14.07 16.00
N GLU B 29 12.83 13.61 15.03
CA GLU B 29 13.94 12.67 15.29
C GLU B 29 13.52 11.40 16.02
N TYR B 30 12.32 10.89 15.73
CA TYR B 30 11.88 9.57 16.20
C TYR B 30 12.43 8.50 15.28
N ASN B 31 13.31 7.66 15.81
CA ASN B 31 13.92 6.61 15.01
C ASN B 31 13.02 5.38 14.93
N VAL B 32 12.38 5.20 13.78
CA VAL B 32 11.44 4.11 13.59
C VAL B 32 12.14 2.83 13.13
N ASN B 33 11.98 1.74 13.87
CA ASN B 33 12.52 0.44 13.44
C ASN B 33 11.50 -0.35 12.65
N VAL B 34 10.27 -0.39 13.14
CA VAL B 34 9.20 -1.11 12.48
C VAL B 34 7.93 -0.29 12.31
N ILE B 35 7.37 -0.33 11.10
CA ILE B 35 6.06 0.29 10.86
C ILE B 35 4.97 -0.77 10.92
N VAL B 36 3.93 -0.50 11.70
CA VAL B 36 2.78 -1.38 11.75
C VAL B 36 1.63 -0.67 11.10
N ALA B 37 1.28 -1.13 9.90
CA ALA B 37 0.18 -0.56 9.12
C ALA B 37 -1.16 -1.16 9.53
N ILE B 38 -2.15 -0.31 9.71
CA ILE B 38 -3.50 -0.80 9.98
C ILE B 38 -4.14 -1.10 8.63
N ALA B 39 -4.51 -2.35 8.39
CA ALA B 39 -5.14 -2.72 7.12
C ALA B 39 -6.64 -2.48 7.24
N ARG B 40 -7.28 -2.05 6.16
CA ARG B 40 -6.64 -1.86 4.88
C ARG B 40 -6.18 -0.42 4.66
N GLY B 41 -6.76 0.52 5.41
CA GLY B 41 -6.55 1.94 5.19
C GLY B 41 -5.10 2.43 5.20
N GLY B 42 -4.27 1.82 6.04
CA GLY B 42 -2.94 2.34 6.25
C GLY B 42 -1.87 1.74 5.37
N LEU B 43 -2.22 0.70 4.61
CA LEU B 43 -1.22 -0.02 3.81
C LEU B 43 -0.47 0.93 2.92
N VAL B 44 -1.19 1.65 2.07
CA VAL B 44 -0.53 2.54 1.10
C VAL B 44 0.29 3.68 1.77
N PRO B 45 -0.34 4.46 2.68
CA PRO B 45 0.42 5.50 3.40
C PRO B 45 1.66 4.92 4.07
N ALA B 46 1.54 3.72 4.65
CA ALA B 46 2.67 3.08 5.29
C ALA B 46 3.87 2.86 4.31
N ARG B 47 3.60 2.36 3.12
CA ARG B 47 4.67 2.07 2.18
C ARG B 47 5.37 3.36 1.80
N LEU B 48 4.59 4.40 1.56
CA LEU B 48 5.14 5.71 1.22
C LEU B 48 5.99 6.33 2.33
N VAL B 49 5.49 6.31 3.55
CA VAL B 49 6.24 6.86 4.66
C VAL B 49 7.57 6.09 4.79
N ALA B 50 7.48 4.78 4.60
CA ALA B 50 8.65 3.90 4.70
C ALA B 50 9.68 4.28 3.65
N ASP B 51 9.22 4.57 2.43
CA ASP B 51 10.14 5.00 1.39
C ASP B 51 10.91 6.27 1.76
N VAL B 52 10.20 7.23 2.35
CA VAL B 52 10.75 8.54 2.68
C VAL B 52 11.72 8.50 3.89
N LEU B 53 11.35 7.70 4.88
CA LEU B 53 12.09 7.58 6.14
C LEU B 53 13.24 6.60 6.09
N GLY B 54 13.09 5.57 5.26
CA GLY B 54 14.08 4.52 5.17
C GLY B 54 13.79 3.36 6.12
N VAL B 55 12.51 3.02 6.26
CA VAL B 55 12.10 1.87 7.07
C VAL B 55 11.89 0.62 6.21
N PHE B 56 12.46 -0.51 6.63
CA PHE B 56 12.45 -1.72 5.81
C PHE B 56 11.43 -2.75 6.27
N ASP B 57 11.17 -2.77 7.58
CA ASP B 57 10.20 -3.69 8.17
C ASP B 57 8.83 -3.03 8.30
N ILE B 58 7.87 -3.58 7.57
CA ILE B 58 6.49 -3.16 7.69
C ILE B 58 5.64 -4.37 7.95
N LEU B 59 4.90 -4.33 9.04
CA LEU B 59 3.93 -5.37 9.33
C LEU B 59 2.54 -4.75 9.31
N SER B 60 1.52 -5.60 9.33
CA SER B 60 0.17 -5.07 9.30
C SER B 60 -0.80 -5.90 10.13
N ILE B 61 -1.78 -5.21 10.70
CA ILE B 61 -2.89 -5.86 11.39
C ILE B 61 -4.21 -5.37 10.82
N LYS B 62 -5.08 -6.30 10.49
CA LYS B 62 -6.39 -5.98 9.96
C LYS B 62 -7.31 -5.58 11.09
N ILE B 63 -7.89 -4.38 11.00
CA ILE B 63 -8.90 -3.95 11.97
C ILE B 63 -10.29 -3.87 11.32
N GLU B 64 -11.22 -4.63 11.87
CA GLU B 64 -12.61 -4.59 11.44
C GLU B 64 -13.37 -3.53 12.22
N HIS B 65 -14.51 -3.13 11.68
CA HIS B 65 -15.32 -2.13 12.34
C HIS B 65 -16.75 -2.63 12.42
N TRP B 66 -17.18 -2.91 13.64
CA TRP B 66 -18.52 -3.45 13.85
C TRP B 66 -19.43 -2.44 14.51
N ILE B 67 -20.72 -2.56 14.20
CA ILE B 67 -21.78 -1.81 14.89
C ILE B 67 -22.86 -2.77 15.34
N GLU B 68 -23.33 -2.62 16.58
CA GLU B 68 -24.43 -3.46 17.07
C GLU B 68 -25.74 -2.83 16.64
N THR B 69 -26.59 -3.62 16.00
CA THR B 69 -27.79 -3.10 15.36
C THR B 69 -28.75 -2.34 16.28
N ALA B 70 -29.10 -2.92 17.42
CA ALA B 70 -30.04 -2.27 18.35
C ALA B 70 -29.45 -1.05 19.06
N SER B 71 -28.31 -1.23 19.71
CA SER B 71 -27.69 -0.17 20.51
C SER B 71 -26.92 0.87 19.69
N HIS B 72 -26.59 0.53 18.45
CA HIS B 72 -25.72 1.36 17.61
C HIS B 72 -24.33 1.51 18.22
N THR B 73 -23.99 0.56 19.07
CA THR B 73 -22.68 0.52 19.70
C THR B 73 -21.59 0.11 18.70
N PRO B 74 -20.51 0.91 18.61
CA PRO B 74 -19.39 0.63 17.70
C PRO B 74 -18.26 -0.10 18.45
N GLU B 75 -17.62 -1.04 17.76
CA GLU B 75 -16.54 -1.81 18.35
C GLU B 75 -15.55 -2.12 17.25
N ALA B 76 -14.33 -1.63 17.42
CA ALA B 76 -13.24 -1.96 16.52
C ALA B 76 -12.61 -3.27 17.00
N LYS B 77 -12.17 -4.10 16.07
CA LYS B 77 -11.67 -5.42 16.44
C LYS B 77 -10.62 -5.94 15.46
N VAL B 78 -9.49 -6.37 16.00
CA VAL B 78 -8.42 -6.98 15.21
C VAL B 78 -8.84 -8.35 14.66
N LYS B 79 -8.88 -8.48 13.34
CA LYS B 79 -9.15 -9.79 12.73
C LYS B 79 -7.84 -10.50 12.43
N TYR B 80 -7.83 -11.81 12.64
CA TYR B 80 -6.61 -12.60 12.48
C TYR B 80 -5.47 -12.05 13.34
N PRO B 81 -5.63 -12.11 14.67
CA PRO B 81 -4.62 -11.64 15.61
C PRO B 81 -3.40 -12.58 15.68
N PHE B 82 -2.22 -11.99 15.83
CA PHE B 82 -1.00 -12.77 15.99
C PHE B 82 -0.08 -12.02 16.93
N LYS B 83 0.99 -12.66 17.37
CA LYS B 83 2.00 -11.96 18.15
C LYS B 83 3.37 -12.10 17.48
N VAL B 84 4.20 -11.08 17.64
CA VAL B 84 5.59 -11.14 17.19
C VAL B 84 6.45 -10.45 18.24
N ASP B 85 7.74 -10.79 18.31
CA ASP B 85 8.60 -10.13 19.29
C ASP B 85 9.27 -8.87 18.74
N LEU B 86 8.76 -7.73 19.20
CA LEU B 86 9.21 -6.44 18.71
C LEU B 86 9.96 -5.61 19.75
N SER B 87 10.47 -6.28 20.78
CA SER B 87 11.18 -5.57 21.84
C SER B 87 12.48 -4.99 21.29
N ASP B 88 12.90 -3.87 21.88
CA ASP B 88 14.12 -3.15 21.49
C ASP B 88 13.94 -2.49 20.13
N LYS B 89 12.69 -2.48 19.66
CA LYS B 89 12.33 -1.82 18.42
C LYS B 89 11.38 -0.67 18.70
N ASN B 90 11.46 0.37 17.88
CA ASN B 90 10.56 1.50 17.97
C ASN B 90 9.51 1.40 16.89
N VAL B 91 8.25 1.34 17.29
CA VAL B 91 7.17 1.12 16.33
C VAL B 91 6.50 2.42 15.92
N LEU B 92 6.20 2.53 14.64
CA LEU B 92 5.32 3.59 14.20
C LEU B 92 4.08 2.91 13.63
N ILE B 93 2.92 3.21 14.20
CA ILE B 93 1.67 2.74 13.64
C ILE B 93 1.13 3.76 12.63
N ILE B 94 0.66 3.28 11.49
CA ILE B 94 0.14 4.17 10.46
C ILE B 94 -1.28 3.80 9.99
N ASP B 95 -2.14 4.82 9.90
CA ASP B 95 -3.46 4.66 9.27
C ASP B 95 -3.68 5.81 8.29
N ASP B 96 -4.75 5.74 7.51
CA ASP B 96 -5.06 6.79 6.55
C ASP B 96 -5.52 8.09 7.21
N ILE B 97 -6.52 7.99 8.08
CA ILE B 97 -7.15 9.17 8.67
C ILE B 97 -7.51 8.94 10.12
N THR B 98 -7.37 9.98 10.94
CA THR B 98 -7.91 9.92 12.30
C THR B 98 -9.27 10.57 12.28
N ASP B 99 -10.32 9.75 12.34
CA ASP B 99 -11.68 10.25 12.33
C ASP B 99 -12.23 10.23 13.76
N THR B 100 -12.57 9.05 14.24
CA THR B 100 -13.05 8.92 15.60
C THR B 100 -11.89 8.67 16.55
N GLY B 101 -10.90 7.92 16.10
CA GLY B 101 -9.74 7.57 16.90
C GLY B 101 -9.84 6.16 17.48
N ASP B 102 -10.98 5.51 17.21
CA ASP B 102 -11.24 4.18 17.74
C ASP B 102 -10.24 3.13 17.28
N SER B 103 -9.82 3.23 16.02
CA SER B 103 -8.90 2.25 15.44
C SER B 103 -7.47 2.43 15.89
N ILE B 104 -6.98 3.67 15.91
CA ILE B 104 -5.62 3.89 16.39
C ILE B 104 -5.51 3.67 17.92
N GLU B 105 -6.63 3.83 18.62
CA GLU B 105 -6.65 3.52 20.05
C GLU B 105 -6.45 2.02 20.23
N LEU B 106 -7.18 1.24 19.45
CA LEU B 106 -7.12 -0.21 19.53
C LEU B 106 -5.75 -0.71 19.12
N ALA B 107 -5.26 -0.18 18.00
CA ALA B 107 -3.96 -0.57 17.48
C ALA B 107 -2.83 -0.33 18.49
N ARG B 108 -2.72 0.89 19.01
CA ARG B 108 -1.68 1.18 19.99
C ARG B 108 -1.75 0.19 21.14
N LYS B 109 -2.94 0.05 21.71
CA LYS B 109 -3.18 -0.88 22.80
C LYS B 109 -2.80 -2.30 22.40
N TYR B 110 -3.31 -2.76 21.26
CA TYR B 110 -3.01 -4.11 20.80
C TYR B 110 -1.52 -4.34 20.60
N VAL B 111 -0.89 -3.42 19.86
CA VAL B 111 0.55 -3.49 19.59
C VAL B 111 1.41 -3.54 20.86
N MET B 112 1.01 -2.78 21.87
CA MET B 112 1.77 -2.75 23.11
C MET B 112 1.61 -4.03 23.94
N GLU B 113 0.48 -4.72 23.78
CA GLU B 113 0.24 -5.92 24.57
C GLU B 113 0.78 -7.16 23.89
N ASN B 114 0.82 -7.14 22.55
CA ASN B 114 1.16 -8.35 21.81
C ASN B 114 2.51 -8.31 21.08
N PHE B 115 3.02 -7.11 20.86
CA PHE B 115 4.30 -6.97 20.16
C PHE B 115 5.42 -6.51 21.09
N ARG B 116 5.05 -5.81 22.16
CA ARG B 116 5.98 -5.45 23.22
C ARG B 116 7.19 -4.61 22.76
N PRO B 117 6.92 -3.51 22.02
CA PRO B 117 8.00 -2.65 21.48
C PRO B 117 8.54 -1.74 22.57
N THR B 118 9.73 -1.20 22.35
CA THR B 118 10.29 -0.20 23.23
C THR B 118 9.36 1.03 23.32
N GLU B 119 8.91 1.51 22.17
CA GLU B 119 8.02 2.65 22.10
C GLU B 119 7.04 2.53 20.92
N VAL B 120 5.88 3.17 21.05
CA VAL B 120 4.89 3.20 19.99
C VAL B 120 4.44 4.64 19.76
N LYS B 121 4.40 5.05 18.50
CA LYS B 121 3.81 6.32 18.16
C LYS B 121 2.83 6.09 17.02
N THR B 122 1.80 6.92 16.94
CA THR B 122 0.80 6.80 15.90
C THR B 122 0.89 7.95 14.91
N ALA B 123 0.48 7.67 13.67
CA ALA B 123 0.56 8.67 12.63
C ALA B 123 -0.50 8.40 11.54
N THR B 124 -1.24 9.44 11.18
CA THR B 124 -2.17 9.35 10.03
C THR B 124 -1.98 10.53 9.07
N LEU B 125 -2.40 10.35 7.83
CA LEU B 125 -2.30 11.43 6.85
C LEU B 125 -3.16 12.60 7.29
N GLN B 126 -4.41 12.32 7.58
CA GLN B 126 -5.33 13.37 7.93
C GLN B 126 -5.88 13.17 9.33
N TYR B 127 -6.39 14.27 9.88
CA TYR B 127 -6.86 14.28 11.26
C TYR B 127 -8.04 15.23 11.36
N ILE B 128 -9.20 14.71 11.77
CA ILE B 128 -10.40 15.54 11.85
C ILE B 128 -10.62 16.01 13.29
N LYS B 129 -10.18 17.25 13.56
CA LYS B 129 -10.21 17.86 14.88
C LYS B 129 -11.54 17.66 15.62
N PRO B 130 -12.66 18.01 14.97
CA PRO B 130 -13.95 17.97 15.67
C PRO B 130 -14.40 16.57 16.04
N ALA B 131 -13.87 15.54 15.39
CA ALA B 131 -14.41 14.19 15.52
C ALA B 131 -13.53 13.24 16.33
N ALA B 132 -12.24 13.55 16.41
CA ALA B 132 -11.25 12.66 17.01
C ALA B 132 -11.23 12.66 18.56
N LYS B 133 -11.57 11.53 19.17
CA LYS B 133 -11.48 11.38 20.62
C LYS B 133 -10.01 11.34 21.06
N ILE B 134 -9.16 10.90 20.14
CA ILE B 134 -7.72 10.73 20.38
C ILE B 134 -6.95 11.48 19.31
N ILE B 135 -5.80 12.04 19.65
CA ILE B 135 -4.99 12.68 18.63
C ILE B 135 -3.71 11.88 18.35
N PRO B 136 -3.45 11.59 17.06
CA PRO B 136 -2.28 10.78 16.72
C PRO B 136 -1.01 11.61 16.95
N ASP B 137 0.10 10.95 17.24
CA ASP B 137 1.36 11.65 17.49
C ASP B 137 1.76 12.55 16.32
N TYR B 138 1.52 12.07 15.11
CA TYR B 138 1.82 12.81 13.91
C TYR B 138 0.63 12.78 12.97
N TYR B 139 0.45 13.87 12.23
CA TYR B 139 -0.49 13.91 11.11
C TYR B 139 0.00 14.93 10.11
N ALA B 140 -0.37 14.73 8.86
CA ALA B 140 0.02 15.64 7.80
C ALA B 140 -0.94 16.84 7.68
N GLU B 141 -2.24 16.56 7.69
CA GLU B 141 -3.24 17.61 7.47
C GLU B 141 -4.37 17.59 8.53
N GLU B 142 -4.64 18.77 9.12
CA GLU B 142 -5.78 18.92 10.02
C GLU B 142 -7.03 19.31 9.27
N ILE B 143 -8.11 18.58 9.53
CA ILE B 143 -9.41 18.86 8.95
C ILE B 143 -10.31 19.36 10.06
N VAL B 144 -10.88 20.54 9.85
CA VAL B 144 -11.71 21.14 10.90
C VAL B 144 -13.18 20.92 10.64
N SER B 145 -13.50 20.45 9.45
CA SER B 145 -14.89 20.16 9.10
C SER B 145 -14.99 18.75 8.50
N TRP B 146 -15.70 17.86 9.19
CA TRP B 146 -15.86 16.47 8.72
C TRP B 146 -16.35 16.34 7.29
N ALA B 147 -15.68 15.46 6.55
CA ALA B 147 -16.12 15.04 5.24
C ALA B 147 -15.68 13.58 5.07
N TRP B 148 -16.18 12.90 4.06
CA TRP B 148 -15.67 11.59 3.72
C TRP B 148 -14.62 11.77 2.62
N PHE B 149 -13.40 11.27 2.87
CA PHE B 149 -12.30 11.36 1.91
C PHE B 149 -12.15 10.13 1.04
N MET B 150 -12.35 10.29 -0.26
CA MET B 150 -12.18 9.19 -1.20
C MET B 150 -10.71 9.06 -1.59
N TYR B 151 -10.05 8.05 -1.08
CA TYR B 151 -8.65 7.84 -1.39
C TYR B 151 -8.51 7.07 -2.70
N PRO B 152 -7.41 7.29 -3.44
CA PRO B 152 -7.20 6.75 -4.78
C PRO B 152 -7.15 5.21 -4.81
N TRP B 153 -7.00 4.61 -3.62
CA TRP B 153 -6.92 3.16 -3.48
C TRP B 153 -8.24 2.59 -3.00
N ASN B 154 -9.28 3.42 -3.04
CA ASN B 154 -10.56 3.12 -2.43
C ASN B 154 -11.70 3.58 -3.32
N TYR B 155 -11.36 4.09 -4.51
CA TYR B 155 -12.35 4.65 -5.43
C TYR B 155 -13.50 3.70 -5.76
N TRP B 156 -13.17 2.44 -6.07
CA TRP B 156 -14.20 1.49 -6.45
C TRP B 156 -15.20 1.27 -5.33
N GLU B 157 -14.70 0.91 -4.15
CA GLU B 157 -15.55 0.56 -3.05
C GLU B 157 -16.36 1.76 -2.60
N ASP B 158 -15.72 2.91 -2.52
CA ASP B 158 -16.43 4.11 -2.09
C ASP B 158 -17.59 4.44 -3.04
N GLU B 159 -17.32 4.40 -4.34
CA GLU B 159 -18.35 4.75 -5.32
C GLU B 159 -19.49 3.74 -5.31
N ILE B 160 -19.15 2.48 -5.13
CA ILE B 160 -20.17 1.44 -5.02
C ILE B 160 -21.09 1.78 -3.86
N ASN B 161 -20.53 2.16 -2.73
CA ASN B 161 -21.36 2.51 -1.58
C ASN B 161 -22.19 3.77 -1.78
N LEU B 162 -21.55 4.85 -2.23
CA LEU B 162 -22.24 6.10 -2.51
C LEU B 162 -23.38 5.90 -3.51
N VAL B 163 -23.16 5.08 -4.51
CA VAL B 163 -24.19 4.81 -5.49
C VAL B 163 -25.33 4.03 -4.84
N ASN B 164 -24.98 3.08 -3.99
CA ASN B 164 -25.99 2.25 -3.38
C ASN B 164 -26.89 3.06 -2.45
N LYS B 165 -26.31 4.04 -1.76
CA LYS B 165 -27.09 4.88 -0.87
C LYS B 165 -28.19 5.54 -1.70
N ILE B 166 -27.86 5.89 -2.93
CA ILE B 166 -28.82 6.50 -3.83
C ILE B 166 -29.86 5.50 -4.36
N LEU B 167 -29.40 4.34 -4.80
CA LEU B 167 -30.29 3.32 -5.35
C LEU B 167 -31.31 2.71 -4.36
N ILE B 168 -31.02 2.75 -3.06
CA ILE B 168 -31.97 2.23 -2.08
C ILE B 168 -33.08 3.21 -1.68
N GLU B 169 -33.31 4.21 -2.53
CA GLU B 169 -34.40 5.15 -2.31
C GLU B 169 -35.06 5.45 -3.64
N ARG B 170 -34.93 4.49 -4.55
CA ARG B 170 -35.17 4.67 -5.98
C ARG B 170 -36.64 4.54 -6.40
N LYS B 171 -36.98 5.14 -7.55
CA LYS B 171 -38.25 4.90 -8.25
C LYS B 171 -38.31 3.41 -8.54
N THR B 172 -37.12 2.84 -8.70
CA THR B 172 -36.81 1.41 -8.50
C THR B 172 -36.65 0.51 -9.76
N LYS B 173 -35.81 -0.52 -9.53
CA LYS B 173 -35.49 -1.62 -10.45
C LYS B 173 -34.76 -1.31 -11.77
N ASP B 174 -35.31 -0.45 -12.64
CA ASP B 174 -34.53 -0.06 -13.81
C ASP B 174 -33.71 1.19 -13.54
N ILE B 175 -32.42 1.15 -13.84
CA ILE B 175 -31.54 2.26 -13.47
C ILE B 175 -31.27 3.26 -14.60
N ASP B 176 -31.77 4.49 -14.48
CA ASP B 176 -31.41 5.49 -15.48
C ASP B 176 -30.05 6.03 -15.08
N ILE B 177 -29.05 5.77 -15.90
CA ILE B 177 -27.69 6.21 -15.63
C ILE B 177 -27.60 7.72 -15.47
N ASN B 178 -28.40 8.45 -16.24
CA ASN B 178 -28.34 9.90 -16.20
C ASN B 178 -28.94 10.48 -14.93
N GLU B 179 -30.00 9.86 -14.45
CA GLU B 179 -30.60 10.26 -13.20
C GLU B 179 -29.58 10.00 -12.08
N LEU B 180 -28.93 8.84 -12.16
CA LEU B 180 -27.88 8.48 -11.23
C LEU B 180 -26.78 9.54 -11.17
N LYS B 181 -26.21 9.84 -12.34
CA LYS B 181 -25.19 10.89 -12.48
C LYS B 181 -25.63 12.21 -11.87
N ARG B 182 -26.90 12.56 -12.07
CA ARG B 182 -27.48 13.77 -11.52
C ARG B 182 -27.43 13.70 -10.02
N ASN B 183 -27.93 12.59 -9.49
CA ASN B 183 -28.06 12.41 -8.05
C ASN B 183 -26.72 12.44 -7.35
N PHE B 184 -25.71 11.94 -8.05
CA PHE B 184 -24.36 11.90 -7.53
C PHE B 184 -23.79 13.29 -7.39
N VAL B 185 -24.04 14.15 -8.37
CA VAL B 185 -23.69 15.55 -8.25
C VAL B 185 -24.48 16.20 -7.11
N GLU B 186 -25.79 15.97 -7.06
CA GLU B 186 -26.60 16.62 -6.04
C GLU B 186 -26.24 16.19 -4.62
N SER B 187 -25.94 14.90 -4.46
CA SER B 187 -25.65 14.37 -3.13
C SER B 187 -24.21 14.57 -2.64
N TYR B 188 -23.22 14.49 -3.54
CA TYR B 188 -21.82 14.47 -3.13
C TYR B 188 -20.94 15.53 -3.75
N GLY B 189 -21.42 16.17 -4.80
CA GLY B 189 -20.71 17.26 -5.43
C GLY B 189 -19.71 16.79 -6.45
N ILE B 190 -19.94 15.59 -7.00
CA ILE B 190 -18.98 15.01 -7.92
C ILE B 190 -19.56 14.89 -9.32
N GLU B 191 -19.11 15.76 -10.22
CA GLU B 191 -19.54 15.71 -11.61
C GLU B 191 -18.83 14.62 -12.37
N ASN B 192 -17.61 14.31 -11.94
CA ASN B 192 -16.72 13.41 -12.66
C ASN B 192 -16.07 12.42 -11.73
N PRO B 193 -16.82 11.38 -11.33
CA PRO B 193 -16.24 10.37 -10.44
C PRO B 193 -14.99 9.80 -11.10
N PRO B 194 -13.96 9.46 -10.31
CA PRO B 194 -12.72 8.92 -10.87
C PRO B 194 -13.00 7.63 -11.67
N ILE B 195 -13.87 6.77 -11.18
CA ILE B 195 -14.35 5.62 -11.94
C ILE B 195 -15.73 5.98 -12.49
N SER B 196 -15.93 5.87 -13.80
CA SER B 196 -17.22 6.21 -14.39
C SER B 196 -18.35 5.35 -13.81
N LEU B 197 -19.52 5.95 -13.64
CA LEU B 197 -20.60 5.29 -12.93
C LEU B 197 -21.13 4.02 -13.59
N ASP B 198 -21.01 3.91 -14.91
CA ASP B 198 -21.48 2.70 -15.59
C ASP B 198 -20.56 1.52 -15.29
N LYS B 199 -19.27 1.81 -15.17
CA LYS B 199 -18.32 0.78 -14.71
C LYS B 199 -18.68 0.33 -13.30
N ILE B 200 -19.01 1.30 -12.44
CA ILE B 200 -19.47 1.00 -11.08
C ILE B 200 -20.68 0.06 -11.10
N LEU B 201 -21.70 0.43 -11.87
CA LEU B 201 -22.94 -0.35 -11.99
C LEU B 201 -22.69 -1.78 -12.47
N THR B 202 -21.88 -1.90 -13.52
CA THR B 202 -21.52 -3.21 -14.03
C THR B 202 -20.87 -4.05 -12.93
N GLU B 203 -20.00 -3.42 -12.14
CA GLU B 203 -19.33 -4.12 -11.06
C GLU B 203 -20.29 -4.50 -9.92
N MET B 204 -21.22 -3.61 -9.59
CA MET B 204 -22.21 -3.91 -8.56
C MET B 204 -23.08 -5.12 -8.98
N LYS B 205 -23.34 -5.22 -10.28
CA LYS B 205 -24.10 -6.34 -10.83
C LYS B 205 -23.33 -7.64 -10.62
N ARG B 206 -22.06 -7.64 -11.02
CA ARG B 206 -21.21 -8.81 -10.86
C ARG B 206 -21.10 -9.23 -9.39
N ARG B 207 -20.99 -8.26 -8.49
CA ARG B 207 -20.96 -8.52 -7.06
C ARG B 207 -22.38 -8.78 -6.56
N LYS B 208 -23.28 -8.96 -7.53
CA LYS B 208 -24.74 -8.98 -7.32
C LYS B 208 -25.26 -8.19 -6.13
N ILE B 209 -25.08 -6.88 -6.20
CA ILE B 209 -25.63 -5.91 -5.24
C ILE B 209 -26.82 -5.25 -5.92
N VAL B 210 -26.90 -5.44 -7.24
CA VAL B 210 -28.04 -5.04 -8.07
C VAL B 210 -28.32 -6.12 -9.12
PB ADP C . 9.75 -12.46 -6.90
O1B ADP C . 8.46 -11.70 -6.85
O2B ADP C . 10.34 -12.67 -8.27
O3B ADP C . 9.71 -13.68 -5.99
PA ADP C . 12.38 -11.50 -6.17
O1A ADP C . 12.86 -12.34 -5.01
O2A ADP C . 12.92 -11.73 -7.56
O3A ADP C . 10.77 -11.47 -6.15
O5' ADP C . 12.61 -9.97 -5.81
C5' ADP C . 12.27 -9.57 -4.49
C4' ADP C . 11.87 -8.10 -4.45
O4' ADP C . 12.90 -7.30 -5.01
C3' ADP C . 10.60 -7.77 -5.22
O3' ADP C . 9.45 -7.86 -4.38
C2' ADP C . 10.83 -6.34 -5.67
O2' ADP C . 10.38 -5.41 -4.67
C1' ADP C . 12.34 -6.23 -5.76
N9 ADP C . 12.75 -6.40 -7.18
C8 ADP C . 13.39 -7.47 -7.71
N7 ADP C . 13.62 -7.29 -9.05
C5 ADP C . 13.11 -6.09 -9.38
C6 ADP C . 13.01 -5.27 -10.60
N6 ADP C . 13.50 -5.71 -11.77
N1 ADP C . 12.40 -4.07 -10.52
C2 ADP C . 11.89 -3.61 -9.35
N3 ADP C . 11.95 -4.29 -8.18
C4 ADP C . 12.54 -5.50 -8.14
P PO4 D . 11.40 -5.06 -0.03
O1 PO4 D . 11.01 -5.09 1.42
O2 PO4 D . 11.38 -3.63 -0.48
O3 PO4 D . 12.79 -5.62 -0.23
O4 PO4 D . 10.40 -5.85 -0.85
PB ADP E . -9.21 6.15 13.30
O1B ADP E . -9.88 7.49 13.57
O2B ADP E . -8.03 6.22 12.38
O3B ADP E . -8.99 5.26 14.50
PA ADP E . -11.82 5.20 12.57
O1A ADP E . -12.47 6.53 12.89
O2A ADP E . -12.13 3.98 13.42
O3A ADP E . -10.24 5.30 12.40
O5' ADP E . -12.13 4.82 11.04
C5' ADP E . -11.75 3.52 10.61
C4' ADP E . -11.50 3.49 9.11
O4' ADP E . -12.66 3.98 8.42
C3' ADP E . -10.33 4.35 8.66
O3' ADP E . -9.11 3.62 8.66
C2' ADP E . -10.75 4.80 7.26
O2' ADP E . -10.35 3.85 6.27
C1' ADP E . -12.27 4.77 7.30
N9 ADP E . -12.77 6.14 7.52
C8 ADP E . -13.36 6.61 8.63
N7 ADP E . -13.71 7.91 8.47
C5 ADP E . -13.33 8.29 7.24
C6 ADP E . -13.39 9.53 6.43
N6 ADP E . -13.94 10.67 6.93
N1 ADP E . -12.88 9.48 5.17
C2 ADP E . -12.33 8.36 4.67
N3 ADP E . -12.23 7.19 5.33
C4 ADP E . -12.72 7.11 6.61
P PO4 F . -10.92 -0.90 6.06
O1 PO4 F . -9.96 0.01 6.79
O2 PO4 F . -11.04 -0.41 4.65
O3 PO4 F . -12.29 -0.86 6.70
O4 PO4 F . -10.39 -2.30 6.05
P PO4 G . -15.52 16.85 -9.84
O1 PO4 G . -16.27 17.77 -8.89
O2 PO4 G . -16.51 16.00 -10.58
O3 PO4 G . -14.75 17.65 -10.87
O4 PO4 G . -14.62 15.93 -9.02
#